data_1YLY
#
_entry.id   1YLY
#
_cell.length_a   45.182
_cell.length_b   106.845
_cell.length_c   47.882
_cell.angle_alpha   90.00
_cell.angle_beta   101.90
_cell.angle_gamma   90.00
#
_symmetry.space_group_name_H-M   'P 1 21 1'
#
loop_
_entity.id
_entity.type
_entity.pdbx_description
1 polymer 'beta-lactamase CTX-M-9'
2 non-polymer PINACOL[[2-AMINO-ALPHA-(1-CARBOXY-1-METHYLETHOXYIMINO)-4-THIAZOLEACETYL]AMINO]METHANEBORONATE
3 non-polymer 'PHOSPHATE ION'
4 water water
#
_entity_poly.entity_id   1
_entity_poly.type   'polypeptide(L)'
_entity_poly.pdbx_seq_one_letter_code
;QTSAVQQKLAALEKSSGGRLGVALIDTADNTQVLYRGDERFPMCSTSKVMAAAAVLKQSETQKQLLNQPVEIKPADLVNY
NPIAEKHVNGTMTLAELSAAALQYSDNTAMNKLIAQLGGPGGVTAFARAIGDETFRLDRTEPTLNTAIPGDPRDTTTPRA
MAQTLRQLTLGHALGETQRAQLVTWLKGNTTGAASIRAGLPTSWTAGDKTGSGDYGTTNDIAVIWPQGRAPLVLVTYFTQ
PQQNAESRRDVLASAARIIAEGL
;
_entity_poly.pdbx_strand_id   A,B
#
loop_
_chem_comp.id
_chem_comp.type
_chem_comp.name
_chem_comp.formula
CB4 non-polymer PINACOL[[2-AMINO-ALPHA-(1-CARBOXY-1-METHYLETHOXYIMINO)-4-THIAZOLEACETYL]AMINO]METHANEBORONATE 'C10 H15 B N4 O6 S'
PO4 non-polymer 'PHOSPHATE ION' 'O4 P -3'
#
# COMPACT_ATOMS: atom_id res chain seq x y z
N GLN A 1 2.28 5.60 -3.37
N GLN A 1 1.23 5.47 -5.16
CA GLN A 1 1.88 4.26 -3.77
CA GLN A 1 1.58 4.70 -3.96
C GLN A 1 0.50 3.90 -3.23
C GLN A 1 0.32 4.13 -3.33
N THR A 2 -0.26 3.15 -4.01
CA THR A 2 -1.52 2.57 -3.57
C THR A 2 -1.38 1.05 -3.53
N SER A 3 -1.52 0.51 -2.32
CA SER A 3 -1.38 -0.93 -2.12
C SER A 3 -2.68 -1.64 -2.48
N ALA A 4 -2.60 -2.95 -2.60
CA ALA A 4 -3.82 -3.74 -2.81
C ALA A 4 -4.83 -3.48 -1.72
N VAL A 5 -4.39 -3.43 -0.46
CA VAL A 5 -5.31 -3.18 0.64
C VAL A 5 -5.96 -1.82 0.48
N GLN A 6 -5.17 -0.81 0.12
CA GLN A 6 -5.73 0.53 -0.02
C GLN A 6 -6.72 0.57 -1.17
N GLN A 7 -6.46 -0.16 -2.25
CA GLN A 7 -7.38 -0.24 -3.38
C GLN A 7 -8.70 -0.86 -2.97
N LYS A 8 -8.64 -1.91 -2.16
CA LYS A 8 -9.86 -2.56 -1.67
C LYS A 8 -10.63 -1.63 -0.75
N LEU A 9 -9.93 -0.87 0.09
CA LEU A 9 -10.64 0.07 0.97
C LEU A 9 -11.33 1.15 0.18
N ALA A 10 -10.69 1.61 -0.90
CA ALA A 10 -11.33 2.62 -1.74
C ALA A 10 -12.57 2.08 -2.44
N ALA A 11 -12.52 0.80 -2.84
CA ALA A 11 -13.66 0.15 -3.44
C ALA A 11 -14.82 0.03 -2.45
N LEU A 12 -14.49 -0.33 -1.24
CA LEU A 12 -15.48 -0.41 -0.18
C LEU A 12 -16.08 0.98 0.02
N GLU A 13 -15.21 1.99 0.10
CA GLU A 13 -15.73 3.34 0.29
C GLU A 13 -16.65 3.77 -0.85
N LYS A 14 -16.27 3.45 -2.08
CA LYS A 14 -17.11 3.85 -3.22
C LYS A 14 -18.50 3.27 -3.10
N SER A 15 -18.59 1.99 -2.70
N SER A 15 -18.64 1.99 -2.71
CA SER A 15 -19.90 1.35 -2.62
CA SER A 15 -19.98 1.43 -2.65
C SER A 15 -20.72 1.89 -1.46
C SER A 15 -20.61 1.55 -1.26
N SER A 16 -20.07 2.47 -0.47
CA SER A 16 -20.66 2.84 0.80
C SER A 16 -21.35 4.18 0.63
C SER A 16 -21.44 4.13 0.90
N GLY A 17 -20.79 5.03 -0.25
N GLY A 17 -21.36 5.00 -0.10
CA GLY A 17 -21.29 6.35 -0.52
CA GLY A 17 -21.96 6.31 0.04
C GLY A 17 -20.83 7.41 0.48
C GLY A 17 -21.40 7.10 1.21
N GLY A 18 -20.09 6.98 1.50
CA GLY A 18 -19.55 7.85 2.52
C GLY A 18 -18.07 8.10 2.36
N ARG A 19 -17.45 8.54 3.46
CA ARG A 19 -16.02 8.78 3.54
C ARG A 19 -15.46 7.93 4.67
N LEU A 20 -14.47 7.11 4.35
CA LEU A 20 -13.85 6.13 5.21
C LEU A 20 -12.40 6.50 5.52
N GLY A 21 -12.04 6.37 6.79
CA GLY A 21 -10.65 6.59 7.22
C GLY A 21 -10.19 5.40 8.05
N VAL A 22 -9.00 4.91 7.72
CA VAL A 22 -8.45 3.74 8.39
C VAL A 22 -6.98 3.98 8.74
N ALA A 23 -6.60 3.51 9.93
CA ALA A 23 -5.19 3.46 10.30
C ALA A 23 -4.95 2.19 11.12
N LEU A 24 -4.04 1.37 10.62
CA LEU A 24 -3.51 0.20 11.27
C LEU A 24 -2.06 0.42 11.70
N ILE A 25 -1.77 0.00 12.93
CA ILE A 25 -0.39 -0.23 13.33
C ILE A 25 -0.23 -1.70 13.68
N ASP A 26 0.70 -2.39 13.03
CA ASP A 26 1.03 -3.77 13.40
C ASP A 26 2.22 -3.71 14.35
N THR A 27 2.05 -4.03 15.63
CA THR A 27 3.19 -3.84 16.54
C THR A 27 4.15 -5.03 16.43
C THR A 27 4.27 -4.90 16.46
N ALA A 28 3.99 -5.87 15.41
N ALA A 28 4.06 -5.98 15.70
CA ALA A 28 4.85 -6.99 15.07
CA ALA A 28 5.20 -6.88 15.48
C ALA A 28 6.13 -6.55 14.36
C ALA A 28 6.33 -6.13 14.79
N ASP A 29 6.00 -5.44 13.70
CA ASP A 29 7.06 -4.71 12.99
C ASP A 29 6.91 -3.19 12.94
N ASN A 30 5.93 -2.57 13.60
CA ASN A 30 5.62 -1.16 13.63
C ASN A 30 5.15 -0.63 12.29
N THR A 31 4.85 -1.51 11.33
CA THR A 31 4.39 -0.99 10.04
C THR A 31 2.95 -0.50 10.14
N GLN A 32 2.60 0.39 9.22
CA GLN A 32 1.31 1.05 9.20
C GLN A 32 0.62 0.88 7.85
N VAL A 33 -0.70 0.81 7.92
CA VAL A 33 -1.52 0.86 6.72
C VAL A 33 -2.54 1.98 6.93
N LEU A 34 -2.58 2.94 6.01
CA LEU A 34 -3.51 4.04 6.16
C LEU A 34 -4.36 4.25 4.92
N TYR A 35 -5.58 4.69 5.17
CA TYR A 35 -6.49 5.10 4.10
C TYR A 35 -7.13 6.40 4.57
N ARG A 36 -6.95 7.50 3.84
CA ARG A 36 -7.30 8.82 4.32
C ARG A 36 -6.78 9.05 5.73
N GLY A 37 -5.57 8.56 6.00
CA GLY A 37 -5.02 8.59 7.34
C GLY A 37 -4.75 9.95 7.91
N ASP A 38 -4.62 10.98 7.08
CA ASP A 38 -4.36 12.34 7.56
C ASP A 38 -5.54 13.29 7.34
N GLU A 39 -6.70 12.74 7.00
CA GLU A 39 -7.93 13.51 6.93
C GLU A 39 -8.62 13.55 8.30
N ARG A 40 -9.29 14.66 8.62
CA ARG A 40 -10.03 14.77 9.87
C ARG A 40 -11.41 14.14 9.77
N PHE A 41 -11.79 13.51 10.86
CA PHE A 41 -13.08 12.88 11.08
C PHE A 41 -13.62 13.25 12.47
N PRO A 42 -14.93 13.35 12.60
CA PRO A 42 -15.53 13.57 13.92
C PRO A 42 -15.36 12.31 14.77
N MET A 43 -14.84 12.45 15.97
CA MET A 43 -14.56 11.33 16.83
C MET A 43 -15.78 10.69 17.46
N CYS A 44 -16.78 11.50 17.76
CA CYS A 44 -17.92 11.10 18.57
C CYS A 44 -17.39 10.35 19.80
N SER A 45 -18.02 9.27 20.22
CA SER A 45 -17.67 8.67 21.51
C SER A 45 -16.30 7.99 21.53
N THR A 46 -15.62 7.86 20.40
CA THR A 46 -14.25 7.35 20.50
C THR A 46 -13.37 8.32 21.28
N SER A 47 -13.76 9.59 21.41
CA SER A 47 -13.05 10.55 22.24
C SER A 47 -13.05 10.17 23.71
N LYS A 48 -13.96 9.30 24.14
CA LYS A 48 -14.05 8.95 25.55
C LYS A 48 -12.80 8.20 26.01
N VAL A 49 -12.10 7.51 25.11
CA VAL A 49 -10.84 6.87 25.52
C VAL A 49 -9.84 7.91 26.00
N MET A 50 -9.69 9.03 25.30
CA MET A 50 -8.76 10.06 25.72
C MET A 50 -9.16 10.66 27.07
N ALA A 51 -10.46 10.89 27.28
CA ALA A 51 -10.92 11.45 28.54
C ALA A 51 -10.67 10.49 29.70
N ALA A 52 -11.00 9.22 29.51
CA ALA A 52 -10.77 8.24 30.57
C ALA A 52 -9.29 8.12 30.89
N ALA A 53 -8.47 8.12 29.83
CA ALA A 53 -7.03 8.00 30.00
C ALA A 53 -6.47 9.20 30.76
N ALA A 54 -7.01 10.38 30.50
CA ALA A 54 -6.55 11.58 31.16
C ALA A 54 -6.83 11.53 32.67
N VAL A 55 -7.99 10.99 33.03
CA VAL A 55 -8.32 10.80 34.44
C VAL A 55 -7.44 9.71 35.04
N LEU A 56 -7.15 8.64 34.29
CA LEU A 56 -6.20 7.65 34.78
C LEU A 56 -4.85 8.29 35.05
N LYS A 57 -4.40 9.20 34.19
CA LYS A 57 -3.13 9.88 34.42
C LYS A 57 -3.19 10.70 35.72
N GLN A 58 -4.28 11.43 35.94
CA GLN A 58 -4.47 12.16 37.19
C GLN A 58 -4.37 11.19 38.38
N SER A 59 -4.92 9.99 38.22
CA SER A 59 -4.92 9.07 39.36
C SER A 59 -3.53 8.55 39.71
N GLU A 60 -2.55 8.73 38.84
CA GLU A 60 -1.21 8.26 39.17
C GLU A 60 -0.64 9.01 40.37
N THR A 61 -1.12 10.22 40.61
CA THR A 61 -0.60 11.02 41.72
C THR A 61 -1.66 11.19 42.80
N GLN A 62 -2.83 10.55 42.62
CA GLN A 62 -3.88 10.49 43.62
C GLN A 62 -4.43 9.08 43.73
N LYS A 63 -3.89 8.31 44.66
N LYS A 63 -3.87 8.28 44.64
CA LYS A 63 -4.25 6.91 44.88
CA LYS A 63 -4.27 6.89 44.81
C LYS A 63 -5.74 6.66 45.09
C LYS A 63 -5.75 6.66 45.08
N GLN A 64 -6.47 7.65 45.59
CA GLN A 64 -7.88 7.46 45.90
C GLN A 64 -8.79 8.11 44.85
N LEU A 65 -8.23 8.67 43.78
CA LEU A 65 -9.07 9.43 42.85
C LEU A 65 -10.14 8.58 42.20
N LEU A 66 -9.83 7.34 41.83
CA LEU A 66 -10.86 6.55 41.15
C LEU A 66 -12.02 6.19 42.06
N ASN A 67 -11.87 6.26 43.36
CA ASN A 67 -12.95 6.03 44.31
C ASN A 67 -13.67 7.30 44.71
N GLN A 68 -13.29 8.46 44.17
CA GLN A 68 -13.88 9.73 44.55
C GLN A 68 -15.31 9.86 44.03
N PRO A 69 -16.27 10.18 44.87
N PRO A 69 -16.30 10.08 44.88
CA PRO A 69 -17.66 10.29 44.40
C PRO A 69 -17.89 11.60 43.67
N VAL A 70 -18.71 11.52 42.64
CA VAL A 70 -19.18 12.63 41.83
C VAL A 70 -20.70 12.64 41.84
N GLU A 71 -21.28 13.78 42.22
CA GLU A 71 -22.73 13.89 42.27
C GLU A 71 -23.33 13.85 40.87
N ILE A 72 -24.42 13.09 40.76
CA ILE A 72 -25.23 13.07 39.56
C ILE A 72 -26.58 13.69 39.85
N LYS A 73 -26.93 14.77 39.17
CA LYS A 73 -28.20 15.46 39.41
C LYS A 73 -29.14 15.26 38.23
N PRO A 74 -30.44 15.40 38.42
CA PRO A 74 -31.37 15.28 37.30
C PRO A 74 -30.97 16.11 36.10
N ALA A 75 -30.51 17.34 36.34
CA ALA A 75 -30.19 18.24 35.24
C ALA A 75 -28.95 17.79 34.47
N ASP A 76 -28.20 16.83 34.98
CA ASP A 76 -26.97 16.39 34.34
C ASP A 76 -27.23 15.40 33.21
N LEU A 77 -28.43 14.82 33.21
CA LEU A 77 -28.74 13.81 32.20
C LEU A 77 -28.81 14.48 30.83
N VAL A 78 -28.30 13.79 29.84
CA VAL A 78 -28.29 14.29 28.47
C VAL A 78 -29.01 13.27 27.60
N ASN A 79 -28.56 12.95 26.39
CA ASN A 79 -29.39 12.19 25.47
C ASN A 79 -29.34 10.69 25.70
N TYR A 80 -28.27 10.18 26.28
CA TYR A 80 -28.04 8.75 26.42
C TYR A 80 -27.20 8.52 27.67
N ASN A 81 -27.88 7.97 28.68
N ASN A 81 -27.83 8.00 28.71
CA ASN A 81 -27.43 7.89 30.06
CA ASN A 81 -27.11 7.84 29.98
C ASN A 81 -27.77 6.56 30.71
C ASN A 81 -27.69 6.61 30.68
N PRO A 82 -27.46 5.44 30.08
CA PRO A 82 -27.98 4.16 30.59
C PRO A 82 -27.50 3.81 31.99
N ILE A 83 -26.33 4.29 32.38
CA ILE A 83 -25.82 3.99 33.72
C ILE A 83 -26.08 5.15 34.66
N ALA A 84 -25.79 6.39 34.23
CA ALA A 84 -25.95 7.51 35.13
C ALA A 84 -27.38 7.71 35.61
N GLU A 85 -28.39 7.34 34.82
CA GLU A 85 -29.76 7.58 35.30
C GLU A 85 -30.06 6.77 36.55
N LYS A 86 -29.34 5.68 36.79
CA LYS A 86 -29.50 4.87 37.99
C LYS A 86 -29.02 5.60 39.24
N HIS A 87 -28.19 6.60 39.08
CA HIS A 87 -27.51 7.26 40.19
C HIS A 87 -27.92 8.71 40.38
N VAL A 88 -29.00 9.13 39.70
CA VAL A 88 -29.50 10.49 39.87
C VAL A 88 -29.85 10.74 41.32
N ASN A 89 -29.47 11.90 41.84
CA ASN A 89 -29.60 12.28 43.25
C ASN A 89 -28.71 11.42 44.13
N GLY A 90 -27.76 10.76 43.48
CA GLY A 90 -26.73 9.99 44.17
C GLY A 90 -25.35 10.37 43.61
N THR A 91 -24.43 9.43 43.66
CA THR A 91 -23.07 9.66 43.18
C THR A 91 -22.60 8.46 42.35
N MET A 92 -21.59 8.69 41.53
CA MET A 92 -20.80 7.68 40.84
C MET A 92 -19.33 7.97 41.11
N THR A 93 -18.50 6.95 41.29
CA THR A 93 -17.06 7.23 41.44
C THR A 93 -16.44 7.50 40.08
N LEU A 94 -15.24 8.08 40.07
CA LEU A 94 -14.59 8.30 38.78
C LEU A 94 -14.30 6.97 38.09
N ALA A 95 -14.03 5.88 38.80
CA ALA A 95 -13.91 4.59 38.11
C ALA A 95 -15.24 4.18 37.48
N GLU A 96 -16.33 4.34 38.21
CA GLU A 96 -17.63 3.99 37.67
C GLU A 96 -18.00 4.83 36.45
N LEU A 97 -17.66 6.10 36.49
CA LEU A 97 -17.89 7.00 35.36
C LEU A 97 -17.06 6.58 34.16
N SER A 98 -15.80 6.23 34.41
CA SER A 98 -14.93 5.77 33.34
C SER A 98 -15.46 4.50 32.68
N ALA A 99 -15.86 3.54 33.50
CA ALA A 99 -16.37 2.26 33.00
C ALA A 99 -17.66 2.48 32.24
N ALA A 100 -18.55 3.33 32.74
CA ALA A 100 -19.81 3.61 32.07
C ALA A 100 -19.60 4.30 30.73
N ALA A 101 -18.71 5.29 30.72
CA ALA A 101 -18.37 6.01 29.50
C ALA A 101 -17.80 5.06 28.45
N LEU A 102 -16.86 4.20 28.86
CA LEU A 102 -16.18 3.35 27.90
C LEU A 102 -17.00 2.12 27.50
N GLN A 103 -17.62 1.43 28.44
CA GLN A 103 -18.22 0.14 28.15
C GLN A 103 -19.68 0.22 27.71
N TYR A 104 -20.36 1.31 28.02
CA TYR A 104 -21.75 1.53 27.64
C TYR A 104 -21.93 2.77 26.79
N SER A 105 -20.90 3.58 26.64
CA SER A 105 -20.94 4.89 25.98
C SER A 105 -21.93 5.84 26.63
N ASP A 106 -21.98 5.83 27.97
CA ASP A 106 -22.82 6.77 28.70
C ASP A 106 -22.29 8.19 28.50
N ASN A 107 -23.18 9.10 28.06
CA ASN A 107 -22.75 10.47 27.78
C ASN A 107 -22.71 11.38 29.00
N THR A 108 -23.54 11.13 30.01
CA THR A 108 -23.42 11.87 31.25
C THR A 108 -22.09 11.53 31.91
N ALA A 109 -21.74 10.23 31.86
CA ALA A 109 -20.45 9.81 32.40
C ALA A 109 -19.29 10.55 31.76
N MET A 110 -19.31 10.65 30.43
CA MET A 110 -18.29 11.41 29.71
C MET A 110 -18.26 12.86 30.17
N ASN A 111 -19.42 13.51 30.32
CA ASN A 111 -19.37 14.89 30.76
C ASN A 111 -18.72 15.02 32.14
N LYS A 112 -18.90 14.01 33.01
CA LYS A 112 -18.25 14.13 34.32
C LYS A 112 -16.73 13.98 34.19
N LEU A 113 -16.29 13.10 33.27
CA LEU A 113 -14.84 13.03 33.02
C LEU A 113 -14.31 14.34 32.50
N ILE A 114 -15.03 14.94 31.54
CA ILE A 114 -14.58 16.21 30.98
C ILE A 114 -14.50 17.28 32.07
N ALA A 115 -15.51 17.32 32.94
CA ALA A 115 -15.51 18.29 34.02
C ALA A 115 -14.36 18.09 34.99
N GLN A 116 -14.06 16.84 35.32
CA GLN A 116 -12.91 16.53 36.17
C GLN A 116 -11.59 17.04 35.58
N LEU A 117 -11.50 17.16 34.28
CA LEU A 117 -10.32 17.63 33.57
C LEU A 117 -10.36 19.12 33.27
N GLY A 118 -11.41 19.82 33.71
CA GLY A 118 -11.46 21.26 33.54
C GLY A 118 -12.12 21.71 32.26
N GLY A 119 -12.82 20.82 31.58
CA GLY A 119 -13.50 21.14 30.33
C GLY A 119 -12.85 20.46 29.15
N PRO A 120 -13.44 20.59 27.96
CA PRO A 120 -12.91 19.89 26.77
C PRO A 120 -11.43 20.12 26.55
N GLY A 121 -10.97 21.36 26.78
CA GLY A 121 -9.57 21.67 26.61
C GLY A 121 -8.63 20.91 27.50
N GLY A 122 -9.12 20.44 28.65
CA GLY A 122 -8.31 19.59 29.50
C GLY A 122 -8.04 18.24 28.88
N VAL A 123 -8.96 17.76 28.06
CA VAL A 123 -8.78 16.50 27.34
C VAL A 123 -7.75 16.71 26.25
N THR A 124 -7.89 17.82 25.52
CA THR A 124 -6.90 18.17 24.50
C THR A 124 -5.51 18.34 25.10
N ALA A 125 -5.41 18.99 26.26
CA ALA A 125 -4.12 19.19 26.89
C ALA A 125 -3.43 17.86 27.22
N PHE A 126 -4.20 16.88 27.67
CA PHE A 126 -3.63 15.56 27.95
C PHE A 126 -3.12 14.94 26.65
N ALA A 127 -3.93 15.05 25.59
CA ALA A 127 -3.50 14.50 24.30
C ALA A 127 -2.14 15.07 23.90
N ARG A 128 -1.99 16.39 24.08
CA ARG A 128 -0.73 17.02 23.74
C ARG A 128 0.42 16.50 24.61
N ALA A 129 0.10 16.29 25.89
CA ALA A 129 1.14 15.82 26.82
C ALA A 129 1.64 14.43 26.48
N ILE A 130 0.85 13.63 25.78
CA ILE A 130 1.32 12.31 25.36
C ILE A 130 1.69 12.24 23.88
N GLY A 131 1.89 13.39 23.24
CA GLY A 131 2.50 13.44 21.92
C GLY A 131 1.52 13.54 20.77
N ASP A 132 0.23 13.70 21.08
CA ASP A 132 -0.79 13.78 20.04
C ASP A 132 -1.07 15.26 19.75
N GLU A 133 -0.62 15.75 18.61
CA GLU A 133 -0.78 17.14 18.22
C GLU A 133 -2.02 17.40 17.36
N THR A 134 -2.82 16.36 17.15
CA THR A 134 -3.91 16.36 16.19
C THR A 134 -5.28 16.37 16.85
N PHE A 135 -5.46 15.50 17.83
CA PHE A 135 -6.69 15.44 18.61
C PHE A 135 -7.14 16.82 19.07
N ARG A 136 -8.44 17.07 18.98
CA ARG A 136 -9.01 18.23 19.68
C ARG A 136 -10.42 17.90 20.18
N LEU A 137 -10.64 18.22 21.45
CA LEU A 137 -11.99 18.19 22.01
C LEU A 137 -12.40 19.63 22.33
N ASP A 138 -13.54 20.04 21.81
CA ASP A 138 -14.01 21.41 21.87
C ASP A 138 -15.33 21.57 22.61
N ARG A 139 -16.13 20.52 22.70
CA ARG A 139 -17.45 20.60 23.27
C ARG A 139 -17.71 19.41 24.19
N THR A 140 -18.76 19.53 24.98
CA THR A 140 -19.27 18.47 25.82
C THR A 140 -20.30 17.62 25.10
N GLU A 141 -20.84 16.63 25.81
CA GLU A 141 -21.95 15.83 25.31
C GLU A 141 -23.26 16.58 25.54
N PRO A 142 -24.20 16.51 24.62
CA PRO A 142 -24.14 15.73 23.38
C PRO A 142 -23.67 16.45 22.13
N THR A 143 -23.37 17.74 22.21
CA THR A 143 -23.10 18.48 20.98
C THR A 143 -21.78 18.06 20.33
N LEU A 144 -20.88 17.38 21.03
CA LEU A 144 -19.63 16.98 20.35
C LEU A 144 -19.90 15.95 19.25
N ASN A 145 -21.10 15.41 19.13
CA ASN A 145 -21.43 14.46 18.08
C ASN A 145 -22.14 15.06 16.87
N THR A 146 -22.18 16.38 16.70
CA THR A 146 -22.88 16.94 15.55
C THR A 146 -22.25 16.52 14.22
N ALA A 147 -20.95 16.28 14.18
CA ALA A 147 -20.27 15.63 13.06
C ALA A 147 -20.48 16.32 11.73
N ILE A 148 -20.53 17.64 11.75
CA ILE A 148 -20.82 18.39 10.53
C ILE A 148 -19.65 18.33 9.57
N PRO A 149 -19.87 18.02 8.30
CA PRO A 149 -18.75 17.97 7.34
C PRO A 149 -17.98 19.29 7.35
N GLY A 150 -16.66 19.21 7.37
CA GLY A 150 -15.81 20.40 7.30
C GLY A 150 -15.57 21.07 8.64
N ASP A 151 -16.28 20.70 9.68
CA ASP A 151 -16.11 21.28 11.01
C ASP A 151 -14.92 20.66 11.72
N PRO A 152 -13.94 21.44 12.16
CA PRO A 152 -12.79 20.84 12.84
C PRO A 152 -13.06 20.47 14.29
N ARG A 153 -14.14 20.95 14.88
CA ARG A 153 -14.39 20.67 16.30
C ARG A 153 -14.50 19.19 16.57
N ASP A 154 -13.90 18.73 17.66
CA ASP A 154 -14.08 17.34 18.11
C ASP A 154 -13.69 16.31 17.06
N THR A 155 -12.57 16.59 16.40
CA THR A 155 -12.02 15.74 15.36
C THR A 155 -10.62 15.25 15.68
N THR A 156 -10.21 14.20 14.97
CA THR A 156 -8.82 13.80 14.88
C THR A 156 -8.58 13.12 13.54
N THR A 157 -7.38 12.62 13.29
CA THR A 157 -7.12 11.81 12.10
C THR A 157 -6.93 10.35 12.49
N PRO A 158 -7.19 9.45 11.55
CA PRO A 158 -6.95 8.03 11.84
C PRO A 158 -5.52 7.79 12.29
N ARG A 159 -4.55 8.39 11.60
CA ARG A 159 -3.15 8.19 11.95
C ARG A 159 -2.88 8.57 13.41
N ALA A 160 -3.34 9.75 13.78
CA ALA A 160 -3.07 10.24 15.13
C ALA A 160 -3.74 9.37 16.17
N MET A 161 -4.98 8.95 15.91
CA MET A 161 -5.67 8.18 16.96
C MET A 161 -5.09 6.78 17.09
N ALA A 162 -4.63 6.18 16.00
CA ALA A 162 -3.99 4.87 16.13
C ALA A 162 -2.71 4.99 16.95
N GLN A 163 -1.89 5.99 16.69
CA GLN A 163 -0.65 6.17 17.43
C GLN A 163 -0.94 6.37 18.91
N THR A 164 -1.93 7.22 19.21
CA THR A 164 -2.28 7.48 20.59
C THR A 164 -2.81 6.22 21.26
N LEU A 165 -3.69 5.49 20.58
CA LEU A 165 -4.23 4.30 21.24
C LEU A 165 -3.11 3.30 21.52
N ARG A 166 -2.14 3.19 20.62
CA ARG A 166 -1.00 2.32 20.89
C ARG A 166 -0.25 2.75 22.14
N GLN A 167 0.06 4.05 22.24
CA GLN A 167 0.82 4.54 23.39
C GLN A 167 0.06 4.33 24.68
N LEU A 168 -1.26 4.51 24.65
CA LEU A 168 -2.06 4.35 25.85
C LEU A 168 -2.22 2.90 26.30
N THR A 169 -2.42 1.98 25.36
CA THR A 169 -2.77 0.60 25.73
C THR A 169 -1.61 -0.38 25.70
N LEU A 170 -0.58 -0.11 24.90
CA LEU A 170 0.58 -0.99 24.78
C LEU A 170 1.88 -0.29 25.16
N GLY A 171 1.94 1.03 25.12
CA GLY A 171 3.15 1.77 25.42
C GLY A 171 3.11 2.35 26.82
N HIS A 172 3.80 3.47 26.97
CA HIS A 172 4.06 3.99 28.32
C HIS A 172 3.52 5.38 28.55
N ALA A 173 2.48 5.76 27.82
CA ALA A 173 1.80 7.02 28.13
C ALA A 173 1.22 7.03 29.54
N LEU A 174 0.78 5.87 30.02
CA LEU A 174 0.24 5.72 31.36
C LEU A 174 1.15 4.83 32.21
N GLY A 175 1.04 4.93 33.52
CA GLY A 175 1.66 3.95 34.39
C GLY A 175 1.14 2.55 34.14
N GLU A 176 1.92 1.56 34.53
CA GLU A 176 1.61 0.14 34.29
C GLU A 176 0.22 -0.22 34.80
N THR A 177 -0.12 0.15 36.03
CA THR A 177 -1.41 -0.23 36.57
C THR A 177 -2.57 0.44 35.84
N GLN A 178 -2.35 1.69 35.44
CA GLN A 178 -3.35 2.45 34.72
C GLN A 178 -3.54 1.93 33.29
N ARG A 179 -2.45 1.59 32.62
CA ARG A 179 -2.54 0.96 31.30
C ARG A 179 -3.35 -0.31 31.37
N ALA A 180 -3.07 -1.13 32.38
CA ALA A 180 -3.83 -2.37 32.55
C ALA A 180 -5.31 -2.08 32.77
N GLN A 181 -5.61 -1.05 33.56
CA GLN A 181 -7.01 -0.70 33.81
C GLN A 181 -7.71 -0.29 32.51
N LEU A 182 -7.03 0.51 31.70
CA LEU A 182 -7.63 0.95 30.46
C LEU A 182 -7.90 -0.22 29.53
N VAL A 183 -6.93 -1.13 29.43
CA VAL A 183 -7.11 -2.34 28.62
C VAL A 183 -8.26 -3.19 29.15
N THR A 184 -8.34 -3.40 30.45
CA THR A 184 -9.47 -4.14 31.02
C THR A 184 -10.78 -3.51 30.65
N TRP A 185 -10.86 -2.18 30.76
CA TRP A 185 -12.11 -1.50 30.40
C TRP A 185 -12.45 -1.73 28.93
N LEU A 186 -11.49 -1.52 28.03
CA LEU A 186 -11.78 -1.67 26.61
C LEU A 186 -12.18 -3.10 26.27
N LYS A 187 -11.52 -4.08 26.89
CA LYS A 187 -11.81 -5.48 26.61
C LYS A 187 -13.20 -5.87 27.10
N GLY A 188 -13.76 -5.12 28.06
CA GLY A 188 -15.11 -5.36 28.55
C GLY A 188 -16.18 -4.55 27.86
N ASN A 189 -15.84 -3.87 26.76
CA ASN A 189 -16.84 -3.11 26.02
C ASN A 189 -18.03 -3.97 25.62
N THR A 190 -19.23 -3.37 25.74
CA THR A 190 -20.43 -4.07 25.36
C THR A 190 -20.92 -3.71 23.96
N THR A 191 -20.38 -2.67 23.33
CA THR A 191 -21.01 -2.11 22.14
C THR A 191 -20.36 -2.50 20.83
N GLY A 192 -19.34 -3.37 20.82
CA GLY A 192 -18.49 -3.49 19.68
C GLY A 192 -18.59 -4.66 18.77
N ALA A 193 -19.45 -5.65 19.03
CA ALA A 193 -19.38 -6.87 18.23
C ALA A 193 -19.80 -6.71 16.78
N ALA A 194 -20.43 -5.62 16.39
CA ALA A 194 -20.86 -5.41 15.01
C ALA A 194 -19.90 -4.55 14.21
N SER A 195 -18.85 -4.03 14.85
CA SER A 195 -17.97 -3.06 14.19
C SER A 195 -16.65 -3.68 13.78
N ILE A 196 -15.49 -3.18 14.20
CA ILE A 196 -14.23 -3.76 13.75
C ILE A 196 -14.18 -5.26 14.01
N ARG A 197 -14.63 -5.64 15.21
CA ARG A 197 -14.45 -7.05 15.59
C ARG A 197 -15.29 -7.99 14.75
N ALA A 198 -16.37 -7.50 14.13
CA ALA A 198 -17.17 -8.34 13.25
C ALA A 198 -16.42 -8.72 11.98
N GLY A 199 -15.39 -7.95 11.64
CA GLY A 199 -14.59 -8.20 10.46
C GLY A 199 -13.38 -9.08 10.73
N LEU A 200 -13.13 -9.42 11.98
CA LEU A 200 -11.99 -10.21 12.39
C LEU A 200 -12.25 -11.67 12.77
C LEU A 200 -12.58 -11.52 12.89
N PRO A 201 -11.21 -12.49 12.57
N PRO A 201 -11.80 -12.59 12.94
CA PRO A 201 -11.29 -13.90 12.99
CA PRO A 201 -12.32 -13.81 13.57
C PRO A 201 -11.76 -14.04 14.44
C PRO A 201 -12.79 -13.51 14.98
N THR A 202 -12.76 -14.88 14.63
N THR A 202 -13.97 -14.01 15.34
CA THR A 202 -13.50 -15.02 15.88
CA THR A 202 -14.49 -13.73 16.67
C THR A 202 -12.63 -15.50 17.02
C THR A 202 -13.61 -14.34 17.77
N SER A 203 -11.47 -16.06 16.70
N SER A 203 -12.72 -15.25 17.42
CA SER A 203 -10.65 -16.51 17.83
CA SER A 203 -11.79 -15.91 18.34
C SER A 203 -9.79 -15.37 18.30
C SER A 203 -10.63 -15.02 18.77
N TRP A 204 -10.15 -14.11 17.95
CA TRP A 204 -9.17 -13.09 18.38
C TRP A 204 -9.70 -12.29 19.55
N THR A 205 -8.85 -12.02 20.52
CA THR A 205 -9.17 -11.15 21.65
C THR A 205 -8.98 -9.69 21.26
N ALA A 206 -9.86 -8.80 21.69
CA ALA A 206 -9.73 -7.39 21.38
C ALA A 206 -10.48 -6.56 22.42
N GLY A 207 -10.11 -5.28 22.46
CA GLY A 207 -10.90 -4.27 23.15
C GLY A 207 -11.18 -3.14 22.19
N ASP A 208 -12.28 -2.41 22.37
CA ASP A 208 -12.59 -1.35 21.43
C ASP A 208 -13.49 -0.31 22.09
N LYS A 209 -13.57 0.85 21.44
CA LYS A 209 -14.54 1.88 21.74
C LYS A 209 -15.19 2.38 20.46
N THR A 210 -16.51 2.26 20.40
CA THR A 210 -17.28 2.69 19.23
C THR A 210 -17.64 4.17 19.35
N GLY A 211 -18.09 4.72 18.22
CA GLY A 211 -18.63 6.06 18.22
C GLY A 211 -19.78 6.16 17.23
N SER A 212 -20.76 6.99 17.55
CA SER A 212 -21.89 7.25 16.66
C SER A 212 -22.27 8.72 16.73
N GLY A 213 -22.74 9.29 15.63
CA GLY A 213 -23.21 10.66 15.68
C GLY A 213 -24.04 11.01 14.46
N ASP A 214 -24.33 12.30 14.31
CA ASP A 214 -25.06 12.76 13.12
C ASP A 214 -24.21 12.50 11.88
N TYR A 215 -24.81 12.73 10.72
CA TYR A 215 -24.19 12.42 9.43
C TYR A 215 -23.85 10.95 9.34
N GLY A 216 -24.65 10.10 10.02
CA GLY A 216 -24.43 8.66 9.96
C GLY A 216 -23.03 8.28 10.37
N THR A 217 -22.44 9.09 11.26
CA THR A 217 -21.04 8.85 11.64
C THR A 217 -20.98 7.59 12.47
N THR A 218 -20.09 6.69 12.06
CA THR A 218 -19.97 5.36 12.61
C THR A 218 -18.49 5.03 12.77
N ASN A 219 -17.99 4.91 13.99
CA ASN A 219 -16.58 4.86 14.28
C ASN A 219 -16.25 3.70 15.21
N ASP A 220 -14.99 3.28 15.18
CA ASP A 220 -14.48 2.30 16.14
C ASP A 220 -12.96 2.43 16.21
N ILE A 221 -12.44 2.28 17.42
CA ILE A 221 -10.99 2.20 17.62
C ILE A 221 -10.72 0.97 18.49
N ALA A 222 -9.74 0.16 18.13
CA ALA A 222 -9.53 -1.14 18.72
C ALA A 222 -8.05 -1.47 18.89
N VAL A 223 -7.81 -2.22 19.96
CA VAL A 223 -6.55 -2.92 20.16
C VAL A 223 -6.86 -4.41 20.10
N ILE A 224 -6.09 -5.13 19.32
CA ILE A 224 -6.41 -6.48 18.89
C ILE A 224 -5.24 -7.42 19.16
N TRP A 225 -5.53 -8.57 19.75
CA TRP A 225 -4.51 -9.59 19.96
C TRP A 225 -4.86 -10.78 19.07
N PRO A 226 -4.32 -10.81 17.87
CA PRO A 226 -4.68 -11.88 16.95
C PRO A 226 -3.99 -13.17 17.40
N GLN A 227 -4.54 -14.30 16.96
CA GLN A 227 -3.92 -15.57 17.34
C GLN A 227 -2.55 -15.68 16.69
N GLY A 228 -1.56 -15.99 17.53
CA GLY A 228 -0.23 -16.24 17.03
C GLY A 228 0.62 -15.05 16.70
N ARG A 229 0.17 -13.81 16.92
CA ARG A 229 1.09 -12.71 16.62
C ARG A 229 0.90 -11.52 17.54
N ALA A 230 1.80 -10.55 17.40
CA ALA A 230 1.79 -9.36 18.24
C ALA A 230 0.53 -8.54 17.99
N PRO A 231 0.15 -7.72 18.96
CA PRO A 231 -1.09 -6.97 18.83
C PRO A 231 -1.04 -5.94 17.70
N LEU A 232 -2.25 -5.65 17.27
CA LEU A 232 -2.56 -4.63 16.29
C LEU A 232 -3.33 -3.49 16.95
N VAL A 233 -3.21 -2.30 16.40
CA VAL A 233 -4.06 -1.17 16.72
C VAL A 233 -4.76 -0.75 15.43
N LEU A 234 -6.08 -0.63 15.48
CA LEU A 234 -6.84 -0.34 14.27
C LEU A 234 -7.94 0.69 14.56
N VAL A 235 -7.94 1.74 13.76
N VAL A 235 -7.96 1.74 13.76
CA VAL A 235 -8.91 2.81 13.77
CA VAL A 235 -9.03 2.72 13.91
C VAL A 235 -9.71 2.75 12.47
C VAL A 235 -9.72 2.91 12.56
N THR A 236 -11.03 2.81 12.58
CA THR A 236 -11.91 2.91 11.42
C THR A 236 -12.94 4.01 11.67
N TYR A 237 -12.91 5.05 10.87
CA TYR A 237 -13.86 6.16 10.96
C TYR A 237 -14.69 6.26 9.70
N PHE A 238 -15.97 6.56 9.85
CA PHE A 238 -16.85 6.62 8.68
C PHE A 238 -17.91 7.71 8.87
N THR A 239 -18.10 8.51 7.83
CA THR A 239 -19.10 9.59 7.93
C THR A 239 -19.73 9.82 6.57
N GLN A 240 -20.97 10.30 6.59
CA GLN A 240 -21.82 10.31 5.40
C GLN A 240 -22.31 11.70 5.08
N PRO A 241 -22.75 11.95 3.83
CA PRO A 241 -23.09 13.31 3.45
C PRO A 241 -24.40 13.87 3.99
N GLN A 242 -25.35 13.05 4.38
CA GLN A 242 -26.66 13.46 4.87
C GLN A 242 -26.73 13.49 6.39
N GLN A 243 -27.25 14.58 6.96
CA GLN A 243 -27.29 14.72 8.41
C GLN A 243 -28.00 13.57 9.10
N ASN A 244 -29.06 13.05 8.48
CA ASN A 244 -29.85 12.03 9.15
C ASN A 244 -29.56 10.63 8.60
N ALA A 245 -28.38 10.45 8.01
CA ALA A 245 -27.95 9.13 7.55
C ALA A 245 -27.94 8.08 8.66
N GLU A 246 -28.17 6.84 8.28
CA GLU A 246 -28.20 5.68 9.13
C GLU A 246 -26.82 5.16 9.48
N SER A 247 -26.70 4.49 10.61
CA SER A 247 -25.44 3.88 11.02
C SER A 247 -25.00 2.80 10.03
N ARG A 248 -23.70 2.68 9.85
CA ARG A 248 -23.13 1.66 8.97
C ARG A 248 -21.98 0.89 9.64
N ARG A 249 -22.29 0.17 10.72
CA ARG A 249 -21.25 -0.61 11.39
C ARG A 249 -20.68 -1.67 10.46
N ASP A 250 -21.50 -2.13 9.52
CA ASP A 250 -21.03 -3.14 8.56
C ASP A 250 -19.87 -2.63 7.71
N VAL A 251 -19.82 -1.33 7.44
CA VAL A 251 -18.68 -0.77 6.69
C VAL A 251 -17.39 -0.87 7.50
N LEU A 252 -17.46 -0.64 8.81
CA LEU A 252 -16.30 -0.81 9.67
C LEU A 252 -15.84 -2.26 9.71
N ALA A 253 -16.79 -3.18 9.81
CA ALA A 253 -16.45 -4.61 9.78
C ALA A 253 -15.77 -4.94 8.45
N SER A 254 -16.30 -4.44 7.34
CA SER A 254 -15.70 -4.71 6.04
C SER A 254 -14.31 -4.14 5.92
N ALA A 255 -14.08 -2.95 6.44
CA ALA A 255 -12.74 -2.37 6.47
C ALA A 255 -11.78 -3.24 7.28
N ALA A 256 -12.20 -3.68 8.47
CA ALA A 256 -11.36 -4.54 9.29
C ALA A 256 -11.07 -5.87 8.60
N ARG A 257 -12.03 -6.43 7.87
CA ARG A 257 -11.81 -7.70 7.19
C ARG A 257 -10.75 -7.54 6.11
N ILE A 258 -10.80 -6.43 5.38
CA ILE A 258 -9.81 -6.14 4.36
C ILE A 258 -8.43 -6.02 4.97
N ILE A 259 -8.34 -5.32 6.10
CA ILE A 259 -7.05 -5.20 6.78
C ILE A 259 -6.54 -6.57 7.22
N ALA A 260 -7.44 -7.39 7.78
CA ALA A 260 -7.06 -8.70 8.27
C ALA A 260 -6.53 -9.59 7.15
N GLU A 261 -7.20 -9.55 6.01
N GLU A 261 -7.18 -9.55 5.99
CA GLU A 261 -6.84 -10.27 4.80
CA GLU A 261 -6.75 -10.40 4.89
C GLU A 261 -5.41 -9.93 4.34
C GLU A 261 -5.51 -9.86 4.18
N GLY A 262 -5.07 -8.68 4.57
CA GLY A 262 -3.85 -8.06 4.13
C GLY A 262 -2.66 -8.46 4.98
N LEU A 263 -2.90 -9.01 6.17
CA LEU A 263 -1.81 -9.42 7.04
C LEU A 263 -1.07 -10.63 6.47
N ALA B 4 34.64 -10.92 -5.22
CA ALA B 4 35.50 -10.43 -6.32
C ALA B 4 34.66 -9.67 -7.31
N VAL B 5 33.87 -10.37 -8.12
CA VAL B 5 32.83 -9.73 -8.92
C VAL B 5 31.86 -9.07 -7.95
N GLN B 6 31.61 -9.77 -6.84
CA GLN B 6 30.68 -9.29 -5.84
C GLN B 6 31.13 -7.97 -5.23
N GLN B 7 32.39 -7.94 -4.82
CA GLN B 7 32.95 -6.71 -4.26
C GLN B 7 32.79 -5.57 -5.26
N LYS B 8 33.06 -5.89 -6.54
CA LYS B 8 33.08 -4.85 -7.56
C LYS B 8 31.69 -4.28 -7.80
N LEU B 9 30.68 -5.15 -7.84
CA LEU B 9 29.32 -4.66 -7.99
C LEU B 9 28.87 -3.86 -6.78
N ALA B 10 29.20 -4.28 -5.56
CA ALA B 10 28.84 -3.50 -4.39
C ALA B 10 29.50 -2.13 -4.41
N ALA B 11 30.75 -2.05 -4.85
CA ALA B 11 31.44 -0.76 -4.91
C ALA B 11 30.83 0.14 -5.97
N LEU B 12 30.51 -0.42 -7.13
CA LEU B 12 29.79 0.35 -8.15
C LEU B 12 28.48 0.90 -7.60
N GLU B 13 27.70 0.05 -6.95
CA GLU B 13 26.45 0.49 -6.33
C GLU B 13 26.69 1.63 -5.35
N LYS B 14 27.69 1.45 -4.49
CA LYS B 14 27.91 2.46 -3.45
C LYS B 14 28.21 3.82 -4.10
N SER B 15 29.06 3.81 -5.13
CA SER B 15 29.42 5.02 -5.84
C SER B 15 28.22 5.68 -6.51
N SER B 16 27.28 4.86 -6.95
CA SER B 16 26.12 5.35 -7.67
C SER B 16 25.09 6.04 -6.80
N GLY B 17 25.08 5.72 -5.51
CA GLY B 17 24.07 6.23 -4.59
C GLY B 17 22.75 5.50 -4.66
N GLY B 18 22.58 4.56 -5.57
CA GLY B 18 21.32 3.88 -5.76
C GLY B 18 21.33 2.42 -5.36
N ARG B 19 20.44 1.66 -5.98
CA ARG B 19 20.20 0.26 -5.70
C ARG B 19 20.29 -0.50 -7.03
N LEU B 20 21.23 -1.43 -7.10
CA LEU B 20 21.58 -2.16 -8.30
C LEU B 20 21.22 -3.64 -8.17
N GLY B 21 20.61 -4.21 -9.20
CA GLY B 21 20.29 -5.62 -9.29
C GLY B 21 20.87 -6.20 -10.57
N VAL B 22 21.57 -7.32 -10.44
CA VAL B 22 22.19 -7.97 -11.57
C VAL B 22 21.92 -9.47 -11.55
N ALA B 23 21.60 -10.05 -12.69
CA ALA B 23 21.54 -11.49 -12.84
C ALA B 23 22.09 -11.87 -14.21
N LEU B 24 23.13 -12.69 -14.20
CA LEU B 24 23.77 -13.27 -15.35
C LEU B 24 23.50 -14.77 -15.38
N ILE B 25 23.17 -15.27 -16.55
CA ILE B 25 23.20 -16.69 -16.85
C ILE B 25 24.17 -16.90 -18.00
N ASP B 26 25.22 -17.69 -17.76
CA ASP B 26 26.13 -18.07 -18.84
C ASP B 26 25.66 -19.43 -19.34
N THR B 27 25.07 -19.49 -20.53
CA THR B 27 24.51 -20.78 -20.95
C THR B 27 25.57 -21.77 -21.40
N ALA B 28 26.85 -21.39 -21.46
CA ALA B 28 27.88 -22.40 -21.72
C ALA B 28 27.88 -23.47 -20.63
N ASP B 29 27.82 -23.03 -19.39
CA ASP B 29 28.01 -23.90 -18.23
C ASP B 29 26.94 -23.69 -17.16
N ASN B 30 25.90 -22.94 -17.45
CA ASN B 30 24.80 -22.62 -16.57
C ASN B 30 25.27 -21.93 -15.29
N THR B 31 26.47 -21.35 -15.29
CA THR B 31 26.82 -20.57 -14.10
C THR B 31 26.08 -19.23 -14.08
N GLN B 32 26.03 -18.67 -12.88
CA GLN B 32 25.30 -17.45 -12.64
C GLN B 32 26.09 -16.50 -11.74
N VAL B 33 25.82 -15.22 -11.98
CA VAL B 33 26.26 -14.15 -11.11
C VAL B 33 25.04 -13.33 -10.72
N LEU B 34 24.83 -13.19 -9.43
CA LEU B 34 23.68 -12.47 -8.92
C LEU B 34 24.12 -11.40 -7.93
N TYR B 35 23.47 -10.24 -8.00
CA TYR B 35 23.66 -9.15 -7.05
C TYR B 35 22.28 -8.58 -6.79
N ARG B 36 21.82 -8.66 -5.55
CA ARG B 36 20.43 -8.37 -5.22
C ARG B 36 19.49 -9.11 -6.16
N GLY B 37 19.83 -10.35 -6.49
CA GLY B 37 19.12 -11.12 -7.49
C GLY B 37 17.68 -11.47 -7.17
N ASP B 38 17.33 -11.47 -5.88
CA ASP B 38 15.97 -11.81 -5.47
C ASP B 38 15.21 -10.61 -4.92
N GLU B 39 15.77 -9.41 -5.06
CA GLU B 39 15.01 -8.22 -4.72
C GLU B 39 14.15 -7.77 -5.89
N ARG B 40 13.00 -7.19 -5.55
CA ARG B 40 12.12 -6.61 -6.56
C ARG B 40 12.60 -5.24 -7.03
N PHE B 41 12.52 -5.03 -8.33
CA PHE B 41 12.81 -3.76 -8.98
C PHE B 41 11.68 -3.38 -9.93
N PRO B 42 11.41 -2.09 -10.09
CA PRO B 42 10.44 -1.66 -11.08
C PRO B 42 10.97 -1.96 -12.49
N MET B 43 10.20 -2.71 -13.27
CA MET B 43 10.65 -3.11 -14.60
C MET B 43 10.70 -1.99 -15.63
N CYS B 44 9.79 -1.04 -15.47
CA CYS B 44 9.57 -0.04 -16.52
C CYS B 44 9.47 -0.69 -17.87
N SER B 45 10.05 -0.14 -18.94
CA SER B 45 9.80 -0.70 -20.27
C SER B 45 10.43 -2.06 -20.50
N THR B 46 11.24 -2.61 -19.61
CA THR B 46 11.71 -3.98 -19.83
C THR B 46 10.52 -4.95 -19.78
N SER B 47 9.42 -4.57 -19.16
CA SER B 47 8.18 -5.35 -19.17
C SER B 47 7.59 -5.53 -20.56
N LYS B 48 8.00 -4.70 -21.53
CA LYS B 48 7.46 -4.83 -22.88
C LYS B 48 7.88 -6.12 -23.55
N VAL B 49 8.97 -6.73 -23.11
CA VAL B 49 9.36 -8.02 -23.65
C VAL B 49 8.31 -9.07 -23.29
N MET B 50 7.84 -9.11 -22.06
CA MET B 50 6.80 -10.07 -21.69
C MET B 50 5.51 -9.85 -22.46
N ALA B 51 5.12 -8.60 -22.68
CA ALA B 51 3.89 -8.30 -23.41
C ALA B 51 3.99 -8.72 -24.87
N ALA B 52 5.11 -8.38 -25.52
CA ALA B 52 5.29 -8.76 -26.92
C ALA B 52 5.31 -10.28 -27.04
N ALA B 53 5.99 -10.94 -26.11
CA ALA B 53 6.05 -12.40 -26.13
C ALA B 53 4.68 -13.02 -25.95
N ALA B 54 3.86 -12.42 -25.08
CA ALA B 54 2.50 -12.92 -24.85
C ALA B 54 1.66 -12.86 -26.12
N VAL B 55 1.81 -11.77 -26.88
CA VAL B 55 1.11 -11.65 -28.17
C VAL B 55 1.65 -12.64 -29.17
N LEU B 56 2.97 -12.84 -29.19
CA LEU B 56 3.55 -13.89 -30.03
C LEU B 56 2.96 -15.25 -29.67
N LYS B 57 2.84 -15.57 -28.39
CA LYS B 57 2.22 -16.85 -28.01
C LYS B 57 0.78 -16.92 -28.52
N GLN B 58 0.01 -15.85 -28.40
CA GLN B 58 -1.35 -15.86 -28.95
C GLN B 58 -1.35 -16.17 -30.44
N SER B 59 -0.37 -15.61 -31.17
CA SER B 59 -0.29 -15.77 -32.62
C SER B 59 0.06 -17.20 -33.01
N GLU B 60 0.48 -18.04 -32.08
CA GLU B 60 0.68 -19.46 -32.38
C GLU B 60 -0.64 -20.18 -32.68
N THR B 61 -1.76 -19.65 -32.18
CA THR B 61 -3.06 -20.28 -32.45
C THR B 61 -4.02 -19.37 -33.22
N GLN B 62 -3.88 -18.06 -33.13
CA GLN B 62 -4.65 -17.07 -33.90
C GLN B 62 -3.67 -16.69 -35.03
N LYS B 63 -3.66 -17.51 -36.07
CA LYS B 63 -2.62 -17.43 -37.10
C LYS B 63 -2.50 -16.13 -37.86
N GLN B 64 -3.52 -15.28 -37.95
N GLN B 64 -3.55 -15.32 -37.94
CA GLN B 64 -3.28 -14.02 -38.65
CA GLN B 64 -3.44 -14.04 -38.63
C GLN B 64 -3.18 -12.84 -37.69
C GLN B 64 -3.45 -12.86 -37.67
N LEU B 65 -3.17 -13.12 -36.39
CA LEU B 65 -3.18 -12.07 -35.38
C LEU B 65 -2.16 -10.96 -35.59
N LEU B 66 -0.92 -11.27 -35.93
CA LEU B 66 0.09 -10.22 -35.98
C LEU B 66 -0.19 -9.20 -37.07
N ASN B 67 -0.94 -9.59 -38.11
CA ASN B 67 -1.15 -8.57 -39.15
C ASN B 67 -2.50 -7.91 -39.00
N GLN B 68 -3.20 -8.13 -37.88
CA GLN B 68 -4.43 -7.45 -37.52
C GLN B 68 -4.26 -5.94 -37.35
N PRO B 69 -5.02 -5.14 -38.08
N PRO B 69 -4.98 -5.15 -38.11
CA PRO B 69 -4.97 -3.69 -37.89
C PRO B 69 -5.59 -3.29 -36.56
N VAL B 70 -4.95 -2.36 -35.89
CA VAL B 70 -5.40 -1.79 -34.63
C VAL B 70 -5.50 -0.27 -34.74
N GLU B 71 -6.64 0.30 -34.39
CA GLU B 71 -6.88 1.73 -34.47
C GLU B 71 -6.00 2.47 -33.48
N ILE B 72 -5.37 3.55 -33.94
CA ILE B 72 -4.66 4.51 -33.11
C ILE B 72 -5.43 5.81 -33.09
N LYS B 73 -5.97 6.19 -31.95
N LYS B 73 -5.96 6.20 -31.95
CA LYS B 73 -6.77 7.40 -31.75
CA LYS B 73 -6.74 7.44 -31.89
C LYS B 73 -5.88 8.51 -31.17
C LYS B 73 -5.92 8.50 -31.18
N PRO B 74 -6.12 9.78 -31.50
CA PRO B 74 -5.39 10.84 -30.81
C PRO B 74 -5.44 10.72 -29.29
N ALA B 75 -6.56 10.29 -28.72
CA ALA B 75 -6.65 10.16 -27.27
C ALA B 75 -5.83 9.00 -26.71
N ASP B 76 -5.33 8.12 -27.57
CA ASP B 76 -4.51 6.99 -27.14
C ASP B 76 -3.07 7.41 -26.82
N LEU B 77 -2.63 8.53 -27.38
CA LEU B 77 -1.24 8.92 -27.15
C LEU B 77 -1.01 9.20 -25.67
N VAL B 78 0.14 8.78 -25.17
CA VAL B 78 0.51 9.02 -23.78
C VAL B 78 1.79 9.86 -23.73
N ASN B 79 2.79 9.56 -22.92
CA ASN B 79 3.90 10.46 -22.71
C ASN B 79 4.98 10.33 -23.78
N TYR B 80 5.08 9.17 -24.41
CA TYR B 80 6.19 8.90 -25.31
C TYR B 80 5.72 7.90 -26.36
N ASN B 81 5.56 8.40 -27.59
N ASN B 81 5.56 8.38 -27.59
CA ASN B 81 4.85 7.77 -28.68
CA ASN B 81 4.98 7.52 -28.63
C ASN B 81 5.56 7.98 -30.01
C ASN B 81 5.56 7.94 -29.98
N PRO B 82 6.86 7.72 -30.12
CA PRO B 82 7.60 8.14 -31.32
C PRO B 82 7.13 7.48 -32.62
N ILE B 83 6.52 6.30 -32.55
CA ILE B 83 6.04 5.66 -33.76
C ILE B 83 4.52 5.85 -33.87
N ALA B 84 3.81 5.64 -32.78
CA ALA B 84 2.35 5.70 -32.84
C ALA B 84 1.86 7.08 -33.25
N GLU B 85 2.60 8.15 -32.90
CA GLU B 85 2.09 9.47 -33.27
C GLU B 85 2.02 9.65 -34.78
N LYS B 86 2.78 8.87 -35.54
CA LYS B 86 2.77 8.93 -36.99
C LYS B 86 1.50 8.30 -37.57
N HIS B 87 0.79 7.51 -36.76
CA HIS B 87 -0.33 6.73 -37.26
C HIS B 87 -1.66 7.03 -36.58
N VAL B 88 -1.74 8.13 -35.84
CA VAL B 88 -3.01 8.56 -35.27
C VAL B 88 -4.01 8.81 -36.38
N ASN B 89 -5.27 8.53 -36.09
CA ASN B 89 -6.35 8.54 -37.06
C ASN B 89 -6.05 7.56 -38.20
N GLY B 90 -5.33 6.51 -37.86
CA GLY B 90 -5.03 5.40 -38.74
C GLY B 90 -4.89 4.12 -37.94
N THR B 91 -4.11 3.18 -38.46
CA THR B 91 -3.94 1.88 -37.83
C THR B 91 -2.47 1.46 -37.89
N MET B 92 -2.15 0.52 -37.01
CA MET B 92 -0.90 -0.22 -36.97
C MET B 92 -1.24 -1.68 -36.74
N THR B 93 -0.46 -2.60 -37.30
CA THR B 93 -0.74 -4.01 -36.99
C THR B 93 -0.10 -4.40 -35.67
N LEU B 94 -0.54 -5.53 -35.12
CA LEU B 94 0.08 -5.97 -33.86
C LEU B 94 1.56 -6.25 -34.01
N ALA B 95 2.02 -6.71 -35.17
CA ALA B 95 3.46 -6.87 -35.38
C ALA B 95 4.15 -5.51 -35.34
N GLU B 96 3.56 -4.53 -36.02
CA GLU B 96 4.14 -3.17 -36.02
C GLU B 96 4.16 -2.59 -34.62
N LEU B 97 3.12 -2.83 -33.84
CA LEU B 97 3.06 -2.35 -32.46
C LEU B 97 4.10 -3.04 -31.60
N SER B 98 4.29 -4.33 -31.80
CA SER B 98 5.32 -5.07 -31.08
C SER B 98 6.71 -4.51 -31.38
N ALA B 99 6.99 -4.29 -32.66
CA ALA B 99 8.28 -3.76 -33.08
C ALA B 99 8.51 -2.37 -32.50
N ALA B 100 7.45 -1.54 -32.52
CA ALA B 100 7.59 -0.21 -31.96
C ALA B 100 7.80 -0.22 -30.46
N ALA B 101 7.05 -1.06 -29.77
CA ALA B 101 7.22 -1.19 -28.32
C ALA B 101 8.64 -1.61 -27.96
N LEU B 102 9.16 -2.60 -28.70
CA LEU B 102 10.46 -3.16 -28.34
C LEU B 102 11.63 -2.33 -28.82
N GLN B 103 11.57 -1.87 -30.08
CA GLN B 103 12.76 -1.26 -30.66
C GLN B 103 12.85 0.24 -30.45
N TYR B 104 11.74 0.90 -30.15
CA TYR B 104 11.68 2.33 -29.88
C TYR B 104 11.13 2.65 -28.49
N SER B 105 10.68 1.65 -27.76
CA SER B 105 10.04 1.81 -26.47
C SER B 105 8.82 2.73 -26.55
N ASP B 106 8.05 2.60 -27.62
CA ASP B 106 6.80 3.34 -27.74
C ASP B 106 5.80 2.90 -26.69
N ASN B 107 5.27 3.81 -25.88
CA ASN B 107 4.34 3.48 -24.81
C ASN B 107 2.91 3.30 -25.29
N THR B 108 2.50 4.00 -26.35
CA THR B 108 1.17 3.73 -26.91
C THR B 108 1.11 2.31 -27.46
N ALA B 109 2.21 1.92 -28.11
CA ALA B 109 2.29 0.56 -28.67
C ALA B 109 2.17 -0.48 -27.58
N MET B 110 2.89 -0.26 -26.47
CA MET B 110 2.76 -1.17 -25.32
C MET B 110 1.31 -1.25 -24.84
N ASN B 111 0.63 -0.11 -24.74
CA ASN B 111 -0.76 -0.14 -24.28
C ASN B 111 -1.63 -0.94 -25.23
N LYS B 112 -1.35 -0.94 -26.54
CA LYS B 112 -2.14 -1.78 -27.44
C LYS B 112 -1.85 -3.26 -27.21
N LEU B 113 -0.59 -3.61 -26.90
CA LEU B 113 -0.28 -4.99 -26.57
C LEU B 113 -1.03 -5.41 -25.33
N ILE B 114 -1.03 -4.56 -24.31
CA ILE B 114 -1.71 -4.87 -23.05
C ILE B 114 -3.20 -5.06 -23.28
N ALA B 115 -3.79 -4.18 -24.08
CA ALA B 115 -5.23 -4.31 -24.36
C ALA B 115 -5.52 -5.60 -25.10
N GLN B 116 -4.70 -5.94 -26.09
CA GLN B 116 -4.89 -7.21 -26.80
C GLN B 116 -4.90 -8.40 -25.85
N LEU B 117 -4.11 -8.32 -24.79
CA LEU B 117 -4.01 -9.40 -23.81
C LEU B 117 -5.06 -9.33 -22.72
N GLY B 118 -5.95 -8.35 -22.76
CA GLY B 118 -7.03 -8.27 -21.79
C GLY B 118 -6.71 -7.46 -20.55
N GLY B 119 -5.62 -6.69 -20.59
CA GLY B 119 -5.25 -5.87 -19.47
C GLY B 119 -3.92 -6.34 -18.89
N PRO B 120 -3.36 -5.58 -17.96
CA PRO B 120 -2.09 -5.98 -17.35
C PRO B 120 -2.11 -7.40 -16.82
N GLY B 121 -3.23 -7.84 -16.28
CA GLY B 121 -3.36 -9.20 -15.77
C GLY B 121 -3.13 -10.26 -16.83
N GLY B 122 -3.40 -9.95 -18.08
CA GLY B 122 -3.14 -10.90 -19.15
C GLY B 122 -1.67 -11.10 -19.40
N VAL B 123 -0.88 -10.06 -19.16
CA VAL B 123 0.57 -10.18 -19.29
C VAL B 123 1.09 -11.07 -18.16
N THR B 124 0.63 -10.80 -16.95
CA THR B 124 0.99 -11.62 -15.80
C THR B 124 0.58 -13.07 -16.02
N ALA B 125 -0.59 -13.30 -16.58
CA ALA B 125 -1.04 -14.67 -16.81
C ALA B 125 -0.09 -15.40 -17.75
N PHE B 126 0.39 -14.72 -18.80
CA PHE B 126 1.35 -15.34 -19.69
C PHE B 126 2.63 -15.68 -18.96
N ALA B 127 3.11 -14.76 -18.11
CA ALA B 127 4.30 -15.04 -17.31
C ALA B 127 4.12 -16.31 -16.52
N ARG B 128 2.96 -16.47 -15.87
CA ARG B 128 2.74 -17.70 -15.10
C ARG B 128 2.73 -18.91 -16.02
N ALA B 129 2.16 -18.78 -17.20
CA ALA B 129 2.05 -19.89 -18.12
C ALA B 129 3.41 -20.37 -18.60
N ILE B 130 4.43 -19.51 -18.58
CA ILE B 130 5.78 -19.93 -18.97
C ILE B 130 6.70 -20.17 -17.79
N GLY B 131 6.17 -20.23 -16.58
CA GLY B 131 6.92 -20.67 -15.41
C GLY B 131 7.46 -19.55 -14.55
N ASP B 132 7.13 -18.30 -14.84
CA ASP B 132 7.60 -17.17 -14.04
C ASP B 132 6.54 -16.81 -13.01
N GLU B 133 6.81 -17.13 -11.75
CA GLU B 133 5.90 -16.89 -10.64
C GLU B 133 6.16 -15.57 -9.92
N THR B 134 7.07 -14.77 -10.44
CA THR B 134 7.56 -13.56 -9.77
C THR B 134 7.09 -12.29 -10.46
N PHE B 135 7.20 -12.26 -11.77
CA PHE B 135 6.75 -11.14 -12.58
C PHE B 135 5.33 -10.72 -12.20
N ARG B 136 5.11 -9.41 -12.18
CA ARG B 136 3.74 -8.92 -12.16
C ARG B 136 3.63 -7.60 -12.94
N LEU B 137 2.62 -7.54 -13.80
CA LEU B 137 2.24 -6.28 -14.42
C LEU B 137 0.87 -5.89 -13.89
N ASP B 138 0.80 -4.66 -13.42
CA ASP B 138 -0.37 -4.15 -12.71
C ASP B 138 -1.05 -2.96 -13.37
N ARG B 139 -0.29 -2.17 -14.12
CA ARG B 139 -0.75 -0.93 -14.69
C ARG B 139 -0.39 -0.82 -16.16
N THR B 140 -1.04 0.12 -16.82
CA THR B 140 -0.75 0.48 -18.19
C THR B 140 0.31 1.57 -18.26
N GLU B 141 0.68 1.95 -19.47
CA GLU B 141 1.54 3.12 -19.65
C GLU B 141 0.73 4.41 -19.53
N PRO B 142 1.26 5.47 -18.94
CA PRO B 142 2.61 5.55 -18.39
C PRO B 142 2.75 5.27 -16.92
N THR B 143 1.69 4.93 -16.20
CA THR B 143 1.80 4.85 -14.75
C THR B 143 2.60 3.62 -14.29
N LEU B 144 2.83 2.63 -15.13
CA LEU B 144 3.62 1.48 -14.66
C LEU B 144 5.07 1.85 -14.40
N ASN B 145 5.50 3.07 -14.70
CA ASN B 145 6.87 3.50 -14.49
C ASN B 145 7.06 4.38 -13.25
N THR B 146 6.11 4.43 -12.33
CA THR B 146 6.27 5.32 -11.18
C THR B 146 7.44 4.94 -10.27
N ALA B 147 7.79 3.67 -10.21
CA ALA B 147 8.98 3.14 -9.57
C ALA B 147 9.11 3.57 -8.11
N ILE B 148 8.00 3.56 -7.38
CA ILE B 148 8.00 4.02 -5.98
C ILE B 148 8.68 3.02 -5.07
N PRO B 149 9.64 3.44 -4.25
CA PRO B 149 10.33 2.48 -3.35
C PRO B 149 9.34 1.71 -2.50
N GLY B 150 9.51 0.39 -2.46
CA GLY B 150 8.67 -0.50 -1.70
C GLY B 150 7.39 -0.92 -2.38
N ASP B 151 7.02 -0.34 -3.50
CA ASP B 151 5.80 -0.69 -4.23
C ASP B 151 6.00 -1.95 -5.05
N PRO B 152 5.29 -3.04 -4.81
CA PRO B 152 5.50 -4.24 -5.62
C PRO B 152 4.87 -4.19 -7.00
N ARG B 153 4.05 -3.19 -7.29
CA ARG B 153 3.43 -3.14 -8.61
C ARG B 153 4.46 -3.05 -9.73
N ASP B 154 4.22 -3.80 -10.80
CA ASP B 154 5.03 -3.69 -12.02
C ASP B 154 6.53 -3.95 -11.75
N THR B 155 6.78 -4.94 -10.91
CA THR B 155 8.12 -5.35 -10.55
C THR B 155 8.39 -6.82 -10.90
N THR B 156 9.67 -7.11 -10.94
CA THR B 156 10.16 -8.49 -10.89
C THR B 156 11.53 -8.53 -10.23
N THR B 157 12.14 -9.69 -10.13
CA THR B 157 13.50 -9.82 -9.59
C THR B 157 14.48 -10.05 -10.74
N PRO B 158 15.73 -9.64 -10.60
CA PRO B 158 16.69 -9.95 -11.67
C PRO B 158 16.79 -11.43 -11.97
N ARG B 159 16.78 -12.27 -10.94
CA ARG B 159 16.90 -13.72 -11.17
C ARG B 159 15.76 -14.23 -12.04
N ALA B 160 14.54 -13.82 -11.67
CA ALA B 160 13.36 -14.27 -12.42
C ALA B 160 13.39 -13.76 -13.85
N MET B 161 13.77 -12.50 -14.04
CA MET B 161 13.74 -11.97 -15.42
C MET B 161 14.83 -12.58 -16.27
N ALA B 162 16.00 -12.87 -15.73
CA ALA B 162 17.02 -13.53 -16.56
C ALA B 162 16.56 -14.92 -16.98
N GLN B 163 15.97 -15.67 -16.05
CA GLN B 163 15.48 -17.01 -16.36
C GLN B 163 14.40 -16.94 -17.42
N THR B 164 13.46 -15.99 -17.27
CA THR B 164 12.43 -15.83 -18.27
C THR B 164 12.98 -15.41 -19.62
N LEU B 165 13.90 -14.45 -19.63
CA LEU B 165 14.46 -14.04 -20.93
C LEU B 165 15.16 -15.20 -21.59
N ARG B 166 15.87 -16.04 -20.83
CA ARG B 166 16.47 -17.24 -21.39
C ARG B 166 15.41 -18.14 -22.02
N GLN B 167 14.33 -18.41 -21.27
CA GLN B 167 13.28 -19.29 -21.77
C GLN B 167 12.65 -18.77 -23.06
N LEU B 168 12.43 -17.46 -23.11
CA LEU B 168 11.80 -16.81 -24.26
C LEU B 168 12.69 -16.77 -25.50
N THR B 169 13.99 -16.54 -25.33
CA THR B 169 14.85 -16.27 -26.48
C THR B 169 15.73 -17.46 -26.87
N LEU B 170 16.01 -18.35 -25.94
CA LEU B 170 16.87 -19.50 -26.16
C LEU B 170 16.20 -20.85 -25.88
N GLY B 171 15.12 -20.89 -25.12
CA GLY B 171 14.36 -22.03 -24.71
C GLY B 171 13.11 -22.18 -25.55
N HIS B 172 12.11 -22.83 -24.95
CA HIS B 172 10.93 -23.25 -25.68
C HIS B 172 9.65 -22.72 -25.10
N ALA B 173 9.71 -21.58 -24.43
CA ALA B 173 8.50 -20.90 -23.99
C ALA B 173 7.60 -20.51 -25.17
N LEU B 174 8.19 -20.17 -26.29
CA LEU B 174 7.55 -19.80 -27.53
C LEU B 174 7.82 -20.84 -28.59
N GLY B 175 6.95 -20.88 -29.59
CA GLY B 175 7.21 -21.72 -30.76
C GLY B 175 8.43 -21.24 -31.51
N GLU B 176 9.01 -22.10 -32.33
CA GLU B 176 10.28 -21.74 -32.98
C GLU B 176 10.18 -20.45 -33.80
N THR B 177 9.18 -20.23 -34.63
CA THR B 177 9.11 -19.01 -35.43
C THR B 177 8.98 -17.77 -34.56
N GLN B 178 8.23 -17.95 -33.47
CA GLN B 178 7.94 -16.87 -32.56
C GLN B 178 9.17 -16.48 -31.75
N ARG B 179 9.92 -17.48 -31.28
CA ARG B 179 11.19 -17.22 -30.62
C ARG B 179 12.14 -16.46 -31.53
N ALA B 180 12.28 -16.92 -32.77
CA ALA B 180 13.13 -16.22 -33.73
C ALA B 180 12.64 -14.80 -33.97
N GLN B 181 11.33 -14.54 -34.03
CA GLN B 181 10.83 -13.19 -34.22
C GLN B 181 11.17 -12.29 -33.04
N LEU B 182 11.05 -12.82 -31.82
CA LEU B 182 11.40 -12.03 -30.63
C LEU B 182 12.88 -11.68 -30.65
N VAL B 183 13.72 -12.67 -30.99
CA VAL B 183 15.16 -12.40 -31.05
C VAL B 183 15.48 -11.36 -32.12
N THR B 184 14.89 -11.48 -33.31
CA THR B 184 15.05 -10.49 -34.35
C THR B 184 14.70 -9.11 -33.86
N TRP B 185 13.56 -8.97 -33.18
CA TRP B 185 13.16 -7.66 -32.69
C TRP B 185 14.18 -7.12 -31.69
N LEU B 186 14.57 -7.92 -30.71
CA LEU B 186 15.54 -7.46 -29.71
C LEU B 186 16.87 -7.05 -30.34
N LYS B 187 17.33 -7.81 -31.33
CA LYS B 187 18.60 -7.51 -31.99
C LYS B 187 18.51 -6.22 -32.82
N GLY B 188 17.33 -5.79 -33.21
CA GLY B 188 17.13 -4.53 -33.89
C GLY B 188 16.81 -3.37 -32.99
N ASN B 189 16.93 -3.51 -31.68
CA ASN B 189 16.69 -2.41 -30.76
C ASN B 189 17.52 -1.18 -31.11
N THR B 190 16.91 0.01 -30.99
CA THR B 190 17.61 1.25 -31.26
C THR B 190 18.11 1.94 -29.99
N THR B 191 17.65 1.51 -28.82
CA THR B 191 17.85 2.30 -27.61
C THR B 191 18.99 1.83 -26.71
N GLY B 192 19.77 0.83 -27.09
CA GLY B 192 20.62 0.10 -26.19
C GLY B 192 22.09 0.37 -26.14
N ALA B 193 22.65 1.20 -27.02
CA ALA B 193 24.10 1.26 -27.16
C ALA B 193 24.80 1.85 -25.94
N ALA B 194 24.10 2.54 -25.05
CA ALA B 194 24.72 3.16 -23.88
C ALA B 194 24.54 2.34 -22.62
N SER B 195 23.86 1.20 -22.71
CA SER B 195 23.53 0.45 -21.48
C SER B 195 24.37 -0.81 -21.38
N ILE B 196 23.80 -2.01 -21.23
CA ILE B 196 24.64 -3.20 -21.08
C ILE B 196 25.69 -3.32 -22.17
N ARG B 197 25.25 -3.07 -23.40
CA ARG B 197 26.15 -3.31 -24.53
C ARG B 197 27.32 -2.36 -24.54
N ALA B 198 27.23 -1.21 -23.90
CA ALA B 198 28.38 -0.32 -23.80
C ALA B 198 29.50 -0.88 -22.94
N GLY B 199 29.20 -1.81 -22.04
CA GLY B 199 30.18 -2.42 -21.17
C GLY B 199 30.75 -3.71 -21.71
N LEU B 200 30.28 -4.17 -22.87
CA LEU B 200 30.77 -5.37 -23.52
C LEU B 200 31.49 -4.99 -24.81
N PRO B 201 32.36 -5.85 -25.30
CA PRO B 201 32.98 -5.58 -26.61
C PRO B 201 31.87 -5.32 -27.63
N THR B 202 32.01 -4.19 -28.30
CA THR B 202 31.03 -3.70 -29.26
C THR B 202 30.77 -4.66 -30.41
N SER B 203 31.76 -5.48 -30.75
CA SER B 203 31.64 -6.46 -31.81
C SER B 203 30.84 -7.69 -31.42
N TRP B 204 30.41 -7.79 -30.16
CA TRP B 204 29.58 -8.94 -29.81
C TRP B 204 28.14 -8.72 -30.25
N THR B 205 27.53 -9.72 -30.85
CA THR B 205 26.12 -9.64 -31.25
C THR B 205 25.24 -9.70 -30.01
N ALA B 206 24.25 -8.83 -29.91
CA ALA B 206 23.34 -8.82 -28.78
C ALA B 206 22.00 -8.22 -29.18
N GLY B 207 21.00 -8.54 -28.38
CA GLY B 207 19.73 -7.86 -28.39
C GLY B 207 19.35 -7.45 -26.98
N ASP B 208 18.58 -6.38 -26.83
CA ASP B 208 18.26 -5.92 -25.49
C ASP B 208 16.99 -5.08 -25.51
N LYS B 209 16.45 -4.89 -24.32
CA LYS B 209 15.35 -3.98 -24.10
C LYS B 209 15.67 -3.12 -22.88
N THR B 210 15.72 -1.82 -23.07
CA THR B 210 15.95 -0.87 -21.99
C THR B 210 14.67 -0.50 -21.25
N GLY B 211 14.85 0.09 -20.07
CA GLY B 211 13.75 0.73 -19.37
C GLY B 211 14.21 1.99 -18.65
N SER B 212 13.28 2.91 -18.49
CA SER B 212 13.45 4.18 -17.80
C SER B 212 12.19 4.53 -17.04
N GLY B 213 12.34 5.18 -15.89
CA GLY B 213 11.17 5.64 -15.15
C GLY B 213 11.51 6.64 -14.07
N ASP B 214 10.55 6.94 -13.20
CA ASP B 214 10.80 7.84 -12.07
C ASP B 214 11.84 7.20 -11.14
N TYR B 215 12.28 7.99 -10.18
CA TYR B 215 13.37 7.58 -9.28
C TYR B 215 14.63 7.24 -10.07
N GLY B 216 14.82 7.90 -11.21
CA GLY B 216 16.03 7.69 -12.00
C GLY B 216 16.20 6.23 -12.39
N THR B 217 15.08 5.51 -12.53
CA THR B 217 15.15 4.09 -12.80
C THR B 217 15.70 3.88 -14.21
N THR B 218 16.72 3.06 -14.29
CA THR B 218 17.49 2.81 -15.50
C THR B 218 17.80 1.32 -15.60
N ASN B 219 17.20 0.64 -16.58
CA ASN B 219 17.20 -0.80 -16.67
C ASN B 219 17.61 -1.29 -18.07
N ASP B 220 18.06 -2.52 -18.14
CA ASP B 220 18.34 -3.17 -19.42
C ASP B 220 18.32 -4.69 -19.20
N ILE B 221 17.77 -5.41 -20.15
CA ILE B 221 17.80 -6.87 -20.19
C ILE B 221 18.28 -7.29 -21.57
N ALA B 222 19.24 -8.21 -21.61
CA ALA B 222 19.95 -8.50 -22.84
C ALA B 222 20.22 -9.99 -23.01
N VAL B 223 20.25 -10.42 -24.26
CA VAL B 223 20.79 -11.71 -24.65
C VAL B 223 21.97 -11.41 -25.57
N ILE B 224 23.08 -12.08 -25.27
CA ILE B 224 24.38 -11.73 -25.84
C ILE B 224 25.03 -12.97 -26.42
N TRP B 225 25.58 -12.87 -27.62
CA TRP B 225 26.33 -13.93 -28.25
C TRP B 225 27.78 -13.51 -28.35
N PRO B 226 28.59 -13.82 -27.34
CA PRO B 226 30.00 -13.41 -27.39
C PRO B 226 30.73 -14.24 -28.44
N GLN B 227 31.80 -13.66 -28.98
CA GLN B 227 32.58 -14.34 -30.00
C GLN B 227 33.00 -15.72 -29.51
N GLY B 228 32.66 -16.75 -30.27
CA GLY B 228 33.13 -18.10 -30.04
C GLY B 228 32.53 -18.84 -28.87
N ARG B 229 31.47 -18.34 -28.24
CA ARG B 229 30.93 -19.05 -27.08
C ARG B 229 29.41 -19.01 -27.05
N ALA B 230 28.83 -19.87 -26.25
CA ALA B 230 27.40 -19.92 -26.00
C ALA B 230 26.87 -18.59 -25.47
N PRO B 231 25.61 -18.27 -25.72
CA PRO B 231 25.09 -16.97 -25.29
C PRO B 231 24.95 -16.81 -23.79
N LEU B 232 24.94 -15.53 -23.43
CA LEU B 232 24.72 -15.02 -22.10
C LEU B 232 23.35 -14.36 -22.03
N VAL B 233 22.72 -14.46 -20.87
CA VAL B 233 21.57 -13.62 -20.56
C VAL B 233 21.95 -12.72 -19.39
N LEU B 234 21.70 -11.42 -19.52
CA LEU B 234 22.10 -10.48 -18.48
C LEU B 234 21.01 -9.45 -18.23
N VAL B 235 20.64 -9.28 -16.97
N VAL B 235 20.65 -9.27 -16.97
CA VAL B 235 19.68 -8.31 -16.46
CA VAL B 235 19.68 -8.23 -16.64
C VAL B 235 20.44 -7.33 -15.58
C VAL B 235 20.28 -7.34 -15.55
N THR B 236 20.26 -6.05 -15.83
CA THR B 236 20.79 -5.02 -14.96
C THR B 236 19.68 -4.01 -14.66
N TYR B 237 19.29 -3.92 -13.41
CA TYR B 237 18.25 -3.02 -12.92
C TYR B 237 18.85 -2.01 -11.97
N PHE B 238 18.43 -0.76 -12.08
CA PHE B 238 19.02 0.29 -11.24
C PHE B 238 17.96 1.32 -10.90
N THR B 239 17.88 1.70 -9.62
CA THR B 239 16.90 2.71 -9.23
C THR B 239 17.49 3.54 -8.10
N GLN B 240 17.00 4.76 -7.90
CA GLN B 240 17.66 5.75 -7.06
C GLN B 240 16.70 6.30 -6.02
N PRO B 241 17.22 6.97 -4.98
CA PRO B 241 16.34 7.44 -3.91
C PRO B 241 15.49 8.66 -4.20
N GLN B 242 15.87 9.51 -5.14
CA GLN B 242 15.17 10.76 -5.43
C GLN B 242 14.19 10.58 -6.59
N GLN B 243 12.94 10.98 -6.40
CA GLN B 243 11.92 10.78 -7.43
C GLN B 243 12.33 11.34 -8.79
N ASN B 244 13.06 12.45 -8.79
CA ASN B 244 13.43 13.16 -10.01
C ASN B 244 14.87 12.91 -10.42
N ALA B 245 15.49 11.84 -9.95
CA ALA B 245 16.88 11.53 -10.29
C ALA B 245 17.07 11.34 -11.79
N GLU B 246 18.25 11.69 -12.26
CA GLU B 246 18.71 11.58 -13.61
C GLU B 246 18.96 10.13 -14.05
N SER B 247 18.81 9.88 -15.34
N SER B 247 18.82 9.87 -15.34
CA SER B 247 19.14 8.57 -15.87
CA SER B 247 19.11 8.54 -15.89
C SER B 247 20.60 8.23 -15.64
C SER B 247 20.59 8.21 -15.76
N ARG B 248 20.90 6.96 -15.47
CA ARG B 248 22.28 6.53 -15.24
C ARG B 248 22.59 5.29 -16.05
N ARG B 249 22.52 5.39 -17.37
CA ARG B 249 22.85 4.26 -18.23
C ARG B 249 24.29 3.83 -18.05
N ASP B 250 25.16 4.77 -17.67
CA ASP B 250 26.55 4.44 -17.42
C ASP B 250 26.71 3.42 -16.30
N VAL B 251 25.81 3.41 -15.32
CA VAL B 251 25.92 2.40 -14.26
C VAL B 251 25.66 0.99 -14.82
N LEU B 252 24.73 0.85 -15.75
CA LEU B 252 24.47 -0.44 -16.36
C LEU B 252 25.66 -0.89 -17.21
N ALA B 253 26.23 0.04 -17.95
CA ALA B 253 27.44 -0.25 -18.71
C ALA B 253 28.56 -0.73 -17.80
N SER B 254 28.71 -0.06 -16.66
CA SER B 254 29.76 -0.42 -15.69
C SER B 254 29.51 -1.81 -15.10
N ALA B 255 28.25 -2.11 -14.82
CA ALA B 255 27.90 -3.43 -14.29
C ALA B 255 28.24 -4.52 -15.29
N ALA B 256 27.91 -4.24 -16.56
CA ALA B 256 28.20 -5.20 -17.62
C ALA B 256 29.72 -5.37 -17.80
N ARG B 257 30.45 -4.28 -17.67
CA ARG B 257 31.90 -4.32 -17.81
C ARG B 257 32.52 -5.23 -16.74
N ILE B 258 32.01 -5.10 -15.52
CA ILE B 258 32.48 -5.94 -14.42
C ILE B 258 32.18 -7.41 -14.69
N ILE B 259 30.95 -7.65 -15.14
CA ILE B 259 30.57 -9.03 -15.46
C ILE B 259 31.48 -9.58 -16.54
N ALA B 260 31.74 -8.81 -17.58
CA ALA B 260 32.55 -9.32 -18.69
C ALA B 260 33.98 -9.61 -18.26
N GLU B 261 34.46 -8.92 -17.23
CA GLU B 261 35.80 -9.12 -16.69
C GLU B 261 35.93 -10.53 -16.11
N GLY B 262 34.83 -10.98 -15.50
CA GLY B 262 34.72 -12.27 -14.86
C GLY B 262 34.31 -13.40 -15.77
N LEU B 263 34.15 -13.14 -17.08
CA LEU B 263 33.76 -14.24 -17.96
C LEU B 263 34.97 -15.13 -18.26
B CB4 C . -21.10 8.00 21.29
OB1 CB4 C . -20.70 8.38 19.92
OB2 CB4 C . -21.31 6.52 21.35
C7 CB4 C . -22.41 8.81 21.78
N10 CB4 C . -23.53 8.69 20.80
C11 CB4 C . -24.60 9.47 20.78
O12 CB4 C . -24.75 10.30 21.64
C13 CB4 C . -25.57 9.11 19.68
N16 CB4 C . -26.26 8.00 19.68
O17 CB4 C . -26.05 7.12 20.73
C18 CB4 C . -27.05 6.04 20.76
C14 CB4 C . -25.90 10.17 18.69
C15 CB4 C . -25.57 11.48 18.89
S16 CB4 C . -26.07 12.40 17.54
C17 CB4 C . -26.70 10.97 16.83
N18 CB4 C . -27.34 10.97 15.64
N19 CB4 C . -26.53 9.88 17.52
C19 CB4 C . -28.37 6.70 21.16
C20 CB4 C . -26.64 5.13 21.90
C21 CB4 C . -27.02 5.32 19.43
O2A CB4 C . -28.17 5.10 18.96
O2B CB4 C . -25.93 5.26 18.76
P PO4 D . 16.85 10.77 -20.83
O1 PO4 D . 17.88 11.11 -19.72
O2 PO4 D . 15.46 10.66 -20.18
O3 PO4 D . 16.83 11.89 -21.90
O4 PO4 D . 17.21 9.44 -21.50
P PO4 E . 4.40 -20.53 -37.85
O1 PO4 E . 4.96 -21.06 -36.53
O2 PO4 E . 3.58 -19.25 -37.61
O3 PO4 E . 5.58 -20.20 -38.79
O4 PO4 E . 3.53 -21.63 -38.52
B CB4 F . 10.20 2.70 -20.90
OB1 CB4 F . 10.75 2.49 -19.55
OB2 CB4 F . 11.33 2.88 -21.86
C7 CB4 F . 9.15 3.92 -20.93
N10 CB4 F . 9.73 5.17 -20.42
C11 CB4 F . 9.04 6.23 -20.00
O12 CB4 F . 7.87 6.26 -20.26
C13 CB4 F . 9.91 7.32 -19.43
N16 CB4 F . 10.84 7.94 -20.08
O17 CB4 F . 10.95 7.69 -21.43
C18 CB4 F . 11.74 8.71 -22.15
C14 CB4 F . 9.58 7.80 -18.07
C15 CB4 F . 8.40 7.50 -17.45
S16 CB4 F . 8.41 8.16 -15.88
C17 CB4 F . 9.94 8.87 -16.23
N18 CB4 F . 10.59 9.68 -15.37
N19 CB4 F . 10.41 8.66 -17.43
C19 CB4 F . 10.82 9.93 -22.31
C20 CB4 F . 11.90 8.16 -23.55
C21 CB4 F . 13.04 8.87 -21.43
O2A CB4 F . 13.49 10.04 -21.45
O2B CB4 F . 13.46 7.94 -20.66
#